data_2VMB
#
_entry.id   2VMB
#
_cell.length_a   49.197
_cell.length_b   53.832
_cell.length_c   89.070
_cell.angle_alpha   90.00
_cell.angle_beta   90.00
_cell.angle_gamma   90.00
#
_symmetry.space_group_name_H-M   'P 21 21 21'
#
loop_
_entity.id
_entity.type
_entity.pdbx_description
1 polymer 'GENERAL SECRETION PATHWAY PROTEIN F'
2 non-polymer 'CALCIUM ION'
3 water water
#
_entity_poly.entity_id   1
_entity_poly.type   'polypeptide(L)'
_entity_poly.pdbx_seq_one_letter_code
;MGFAFKRGISTPDLALITRQLATLVQSGMPLEECLRAVAEQSEKPRIRTMLVAVRAKVTEGYTLSDSLGDYPHVFDELFR
SMVAAGEKSGHLDSVLERLADYAENRQKMRSKLQQASENLYFQ
;
_entity_poly.pdbx_strand_id   A,B
#
# COMPACT_ATOMS: atom_id res chain seq x y z
N GLY A 2 -21.82 26.76 15.96
CA GLY A 2 -23.06 25.94 15.86
C GLY A 2 -22.75 24.53 15.41
N PHE A 3 -23.25 24.14 14.24
CA PHE A 3 -23.16 22.75 13.80
C PHE A 3 -22.04 22.57 12.77
N ALA A 4 -21.40 21.41 12.85
CA ALA A 4 -20.29 21.02 11.98
C ALA A 4 -20.55 19.62 11.43
N PHE A 5 -19.99 19.32 10.26
CA PHE A 5 -20.14 18.02 9.64
C PHE A 5 -18.98 17.81 8.69
N LYS A 6 -18.30 16.67 8.87
CA LYS A 6 -17.20 16.28 8.02
C LYS A 6 -17.41 14.83 7.62
N ARG A 7 -16.87 14.46 6.46
CA ARG A 7 -17.02 13.12 5.92
C ARG A 7 -15.70 12.41 6.01
N GLY A 8 -15.75 11.09 5.95
CA GLY A 8 -14.54 10.28 5.96
C GLY A 8 -13.84 10.28 4.61
N ILE A 9 -12.98 9.31 4.41
CA ILE A 9 -12.29 9.15 3.14
C ILE A 9 -12.84 7.91 2.42
N SER A 10 -12.50 7.75 1.15
CA SER A 10 -13.02 6.62 0.39
C SER A 10 -12.41 5.31 0.92
N THR A 11 -13.12 4.21 0.70
CA THR A 11 -12.59 2.90 1.13
C THR A 11 -11.24 2.59 0.46
N PRO A 12 -11.07 2.87 -0.85
CA PRO A 12 -9.72 2.65 -1.40
C PRO A 12 -8.63 3.57 -0.80
N ASP A 13 -9.01 4.80 -0.46
CA ASP A 13 -8.05 5.75 0.14
C ASP A 13 -7.55 5.27 1.50
N LEU A 14 -8.47 4.73 2.33
CA LEU A 14 -8.07 4.19 3.63
C LEU A 14 -7.22 2.94 3.43
N ALA A 15 -7.60 2.11 2.46
CA ALA A 15 -6.84 0.88 2.16
C ALA A 15 -5.40 1.19 1.77
N LEU A 16 -5.21 2.18 0.92
CA LEU A 16 -3.86 2.61 0.51
C LEU A 16 -2.98 3.10 1.67
N ILE A 17 -3.44 4.10 2.43
CA ILE A 17 -2.63 4.64 3.53
C ILE A 17 -2.34 3.61 4.65
N THR A 18 -3.31 2.72 4.92
CA THR A 18 -3.13 1.69 5.94
C THR A 18 -2.08 0.66 5.46
N ARG A 19 -2.13 0.29 4.18
CA ARG A 19 -1.13 -0.63 3.61
C ARG A 19 0.24 0.02 3.65
N GLN A 20 0.30 1.26 3.20
CA GLN A 20 1.56 1.99 3.14
C GLN A 20 2.19 2.11 4.52
N LEU A 21 1.39 2.49 5.53
CA LEU A 21 1.90 2.65 6.89
C LEU A 21 2.37 1.33 7.48
N ALA A 22 1.58 0.28 7.27
CA ALA A 22 1.93 -1.07 7.73
C ALA A 22 3.24 -1.54 7.10
N THR A 23 3.42 -1.28 5.80
CA THR A 23 4.64 -1.66 5.10
C THR A 23 5.87 -1.00 5.75
N LEU A 24 5.73 0.31 6.00
CA LEU A 24 6.84 1.11 6.51
C LEU A 24 7.21 0.77 7.94
N VAL A 25 6.19 0.61 8.80
CA VAL A 25 6.42 0.31 10.22
C VAL A 25 7.03 -1.08 10.37
N GLN A 26 6.55 -2.03 9.58
CA GLN A 26 7.10 -3.38 9.60
C GLN A 26 8.53 -3.47 9.11
N SER A 27 8.95 -2.52 8.28
CA SER A 27 10.34 -2.47 7.82
C SER A 27 11.33 -1.89 8.85
N GLY A 28 10.84 -1.38 10.00
CA GLY A 28 11.72 -0.95 11.10
C GLY A 28 12.00 0.55 11.14
N MET A 29 11.24 1.32 10.35
CA MET A 29 11.41 2.77 10.31
CA MET A 29 11.38 2.78 10.28
C MET A 29 10.61 3.42 11.45
N PRO A 30 11.11 4.56 11.98
CA PRO A 30 10.37 5.18 13.09
C PRO A 30 8.98 5.62 12.66
N LEU A 31 8.03 5.61 13.59
CA LEU A 31 6.65 5.92 13.27
C LEU A 31 6.50 7.30 12.63
N GLU A 32 7.19 8.30 13.20
CA GLU A 32 7.11 9.65 12.64
C GLU A 32 7.59 9.71 11.18
N GLU A 33 8.66 8.99 10.86
N GLU A 33 8.67 8.98 10.86
CA GLU A 33 9.20 8.97 9.50
CA GLU A 33 9.21 8.97 9.50
C GLU A 33 8.23 8.26 8.54
C GLU A 33 8.25 8.25 8.53
N CYS A 34 7.62 7.17 9.01
CA CYS A 34 6.60 6.45 8.24
C CYS A 34 5.41 7.34 7.88
N LEU A 35 4.94 8.11 8.86
CA LEU A 35 3.82 9.02 8.65
C LEU A 35 4.17 10.10 7.64
N ARG A 36 5.41 10.57 7.66
CA ARG A 36 5.89 11.55 6.71
C ARG A 36 5.93 10.99 5.27
N ALA A 37 6.40 9.76 5.12
CA ALA A 37 6.46 9.10 3.82
C ALA A 37 5.08 8.91 3.24
N VAL A 38 4.11 8.46 4.07
CA VAL A 38 2.77 8.22 3.57
C VAL A 38 2.12 9.55 3.11
N ALA A 39 2.33 10.62 3.89
CA ALA A 39 1.85 11.94 3.54
C ALA A 39 2.50 12.41 2.24
N GLU A 40 3.82 12.30 2.14
CA GLU A 40 4.52 12.84 0.97
CA GLU A 40 4.55 12.81 0.98
C GLU A 40 4.30 11.99 -0.28
N GLN A 41 3.83 10.74 -0.12
CA GLN A 41 3.52 9.91 -1.27
C GLN A 41 2.04 10.00 -1.68
N SER A 42 1.24 10.78 -0.96
CA SER A 42 -0.20 10.88 -1.26
C SER A 42 -0.50 11.80 -2.45
N GLU A 43 -1.41 11.36 -3.32
CA GLU A 43 -1.96 12.21 -4.39
C GLU A 43 -3.14 13.06 -3.93
N LYS A 44 -3.57 12.94 -2.67
CA LYS A 44 -4.80 13.58 -2.22
C LYS A 44 -4.46 14.61 -1.14
N PRO A 45 -4.59 15.91 -1.46
CA PRO A 45 -4.24 17.00 -0.53
C PRO A 45 -4.84 16.83 0.86
N ARG A 46 -6.11 16.43 0.94
CA ARG A 46 -6.79 16.29 2.21
C ARG A 46 -6.10 15.21 3.08
N ILE A 47 -5.70 14.11 2.45
CA ILE A 47 -5.06 12.99 3.15
C ILE A 47 -3.67 13.41 3.61
N ARG A 48 -2.96 14.11 2.73
CA ARG A 48 -1.66 14.72 3.04
C ARG A 48 -1.73 15.60 4.30
N THR A 49 -2.65 16.55 4.30
CA THR A 49 -2.86 17.46 5.45
C THR A 49 -3.15 16.69 6.76
N MET A 50 -4.05 15.71 6.70
CA MET A 50 -4.41 14.88 7.86
C MET A 50 -3.20 14.13 8.45
N LEU A 51 -2.42 13.50 7.59
CA LEU A 51 -1.29 12.72 8.04
C LEU A 51 -0.15 13.61 8.58
N VAL A 52 0.03 14.82 8.02
CA VAL A 52 0.95 15.82 8.60
C VAL A 52 0.47 16.16 10.03
N ALA A 53 -0.83 16.36 10.19
CA ALA A 53 -1.45 16.67 11.48
C ALA A 53 -1.34 15.49 12.44
N VAL A 54 -1.68 14.28 11.98
CA VAL A 54 -1.43 13.07 12.81
C VAL A 54 0.05 12.97 13.23
N ARG A 55 0.96 13.17 12.27
CA ARG A 55 2.39 13.15 12.58
C ARG A 55 2.80 14.19 13.61
N ALA A 56 2.25 15.40 13.49
CA ALA A 56 2.59 16.47 14.38
C ALA A 56 2.28 16.12 15.84
N LYS A 57 1.10 15.54 16.08
CA LYS A 57 0.74 15.04 17.40
C LYS A 57 1.67 13.91 17.86
N VAL A 58 2.08 13.03 16.96
CA VAL A 58 2.99 11.92 17.34
C VAL A 58 4.34 12.47 17.82
N THR A 59 4.86 13.47 17.11
CA THR A 59 6.11 14.14 17.47
C THR A 59 5.96 14.94 18.78
N GLU A 60 4.76 15.45 19.08
CA GLU A 60 4.52 16.07 20.40
C GLU A 60 4.32 15.03 21.51
N GLY A 61 4.57 13.75 21.22
CA GLY A 61 4.54 12.67 22.23
C GLY A 61 3.24 11.88 22.35
N TYR A 62 2.22 12.22 21.56
CA TYR A 62 0.95 11.52 21.64
C TYR A 62 1.04 10.17 20.92
N THR A 63 0.33 9.17 21.44
CA THR A 63 0.28 7.85 20.79
C THR A 63 -0.42 7.95 19.44
N LEU A 64 -0.15 6.99 18.55
CA LEU A 64 -0.79 6.94 17.23
C LEU A 64 -2.31 6.90 17.38
N SER A 65 -2.79 6.03 18.27
CA SER A 65 -4.24 5.90 18.52
CA SER A 65 -4.23 5.90 18.50
C SER A 65 -4.86 7.21 18.97
N ASP A 66 -4.20 7.91 19.91
CA ASP A 66 -4.67 9.23 20.38
C ASP A 66 -4.68 10.23 19.23
N SER A 67 -3.62 10.18 18.42
CA SER A 67 -3.48 11.11 17.30
C SER A 67 -4.56 10.93 16.23
N LEU A 68 -4.86 9.67 15.89
CA LEU A 68 -5.92 9.33 14.92
C LEU A 68 -7.31 9.77 15.40
N GLY A 69 -7.51 9.77 16.71
CA GLY A 69 -8.70 10.32 17.37
C GLY A 69 -9.00 11.78 17.10
N ASP A 70 -8.05 12.53 16.54
CA ASP A 70 -8.34 13.87 16.02
C ASP A 70 -9.15 13.81 14.72
N TYR A 71 -9.22 12.63 14.09
CA TYR A 71 -10.01 12.40 12.88
C TYR A 71 -10.98 11.22 13.04
N PRO A 72 -11.93 11.37 13.97
CA PRO A 72 -12.81 10.24 14.26
C PRO A 72 -13.78 9.94 13.11
N HIS A 73 -14.03 10.92 12.26
CA HIS A 73 -14.79 10.75 11.03
C HIS A 73 -14.04 9.92 9.96
N VAL A 74 -12.73 9.76 10.13
CA VAL A 74 -11.89 8.98 9.18
C VAL A 74 -11.57 7.57 9.74
N PHE A 75 -11.17 7.51 11.00
CA PHE A 75 -10.73 6.30 11.68
C PHE A 75 -11.75 6.02 12.78
N ASP A 76 -12.58 4.99 12.57
CA ASP A 76 -13.68 4.66 13.50
C ASP A 76 -13.13 4.10 14.83
N GLU A 77 -14.01 3.92 15.80
CA GLU A 77 -13.61 3.47 17.14
C GLU A 77 -12.90 2.10 17.11
N LEU A 78 -13.34 1.21 16.22
CA LEU A 78 -12.75 -0.11 16.14
C LEU A 78 -11.30 -0.04 15.62
N PHE A 79 -11.09 0.75 14.57
CA PHE A 79 -9.77 0.97 13.99
C PHE A 79 -8.83 1.52 15.08
N ARG A 80 -9.26 2.58 15.75
CA ARG A 80 -8.46 3.22 16.79
C ARG A 80 -8.18 2.33 18.01
N SER A 81 -9.14 1.46 18.37
CA SER A 81 -8.97 0.45 19.44
C SER A 81 -7.89 -0.59 19.08
N MET A 82 -7.94 -1.06 17.84
CA MET A 82 -6.92 -1.96 17.32
C MET A 82 -5.52 -1.30 17.43
N VAL A 83 -5.42 -0.05 17.00
CA VAL A 83 -4.17 0.70 17.12
C VAL A 83 -3.70 0.79 18.55
N ALA A 84 -4.61 1.17 19.47
CA ALA A 84 -4.32 1.28 20.90
C ALA A 84 -3.83 -0.04 21.47
N ALA A 85 -4.43 -1.16 21.06
CA ALA A 85 -4.04 -2.49 21.58
C ALA A 85 -2.64 -2.91 21.14
N GLY A 86 -2.26 -2.59 19.91
CA GLY A 86 -0.90 -2.78 19.44
C GLY A 86 0.10 -1.94 20.23
N GLU A 87 -0.22 -0.67 20.40
CA GLU A 87 0.66 0.24 21.13
C GLU A 87 0.82 -0.17 22.61
N LYS A 88 -0.29 -0.52 23.23
CA LYS A 88 -0.32 -1.01 24.60
C LYS A 88 0.59 -2.22 24.77
N SER A 89 0.53 -3.13 23.81
CA SER A 89 1.14 -4.46 23.93
C SER A 89 2.55 -4.55 23.31
N GLY A 90 2.98 -3.53 22.57
CA GLY A 90 4.23 -3.60 21.82
C GLY A 90 4.11 -4.35 20.50
N HIS A 91 2.90 -4.41 19.94
CA HIS A 91 2.66 -5.09 18.67
C HIS A 91 2.02 -4.19 17.63
N LEU A 92 2.50 -2.94 17.56
CA LEU A 92 1.95 -2.01 16.61
C LEU A 92 2.14 -2.51 15.17
N ASP A 93 3.32 -3.06 14.86
CA ASP A 93 3.55 -3.64 13.53
C ASP A 93 2.50 -4.67 13.11
N SER A 94 2.21 -5.65 13.98
CA SER A 94 1.26 -6.71 13.66
C SER A 94 -0.16 -6.18 13.51
N VAL A 95 -0.56 -5.27 14.40
CA VAL A 95 -1.91 -4.69 14.33
C VAL A 95 -2.11 -3.86 13.05
N LEU A 96 -1.09 -3.13 12.61
CA LEU A 96 -1.20 -2.33 11.39
C LEU A 96 -1.34 -3.25 10.18
N GLU A 97 -0.60 -4.35 10.17
CA GLU A 97 -0.76 -5.38 9.13
C GLU A 97 -2.21 -5.91 9.07
N ARG A 98 -2.74 -6.29 10.24
CA ARG A 98 -4.13 -6.71 10.35
C ARG A 98 -5.10 -5.64 9.82
N LEU A 99 -4.93 -4.41 10.27
CA LEU A 99 -5.79 -3.32 9.81
C LEU A 99 -5.67 -3.12 8.27
N ALA A 100 -4.47 -3.30 7.72
CA ALA A 100 -4.27 -3.13 6.28
C ALA A 100 -4.99 -4.24 5.51
N ASP A 101 -4.94 -5.49 6.00
CA ASP A 101 -5.69 -6.58 5.37
C ASP A 101 -7.18 -6.33 5.47
N TYR A 102 -7.59 -5.88 6.66
CA TYR A 102 -8.97 -5.47 6.90
C TYR A 102 -9.45 -4.38 5.94
N ALA A 103 -8.65 -3.31 5.80
CA ALA A 103 -9.05 -2.15 4.97
C ALA A 103 -9.16 -2.57 3.47
N GLU A 104 -8.27 -3.46 3.04
CA GLU A 104 -8.28 -3.99 1.66
CA GLU A 104 -8.26 -4.01 1.68
C GLU A 104 -9.53 -4.87 1.42
N ASN A 105 -9.86 -5.73 2.39
CA ASN A 105 -11.08 -6.55 2.28
C ASN A 105 -12.37 -5.70 2.30
N ARG A 106 -12.40 -4.65 3.13
CA ARG A 106 -13.48 -3.67 3.16
C ARG A 106 -13.64 -2.95 1.80
N GLN A 107 -12.53 -2.53 1.20
CA GLN A 107 -12.59 -1.84 -0.08
C GLN A 107 -13.19 -2.73 -1.16
N LYS A 108 -12.69 -3.96 -1.25
CA LYS A 108 -13.17 -4.93 -2.26
C LYS A 108 -14.66 -5.19 -2.15
N MET A 109 -15.12 -5.46 -0.92
CA MET A 109 -16.54 -5.79 -0.72
CA MET A 109 -16.53 -5.74 -0.63
C MET A 109 -17.42 -4.57 -0.96
N ARG A 110 -17.03 -3.40 -0.45
CA ARG A 110 -17.83 -2.18 -0.66
C ARG A 110 -17.90 -1.80 -2.14
N SER A 111 -16.76 -1.81 -2.83
CA SER A 111 -16.71 -1.45 -4.24
CA SER A 111 -16.70 -1.46 -4.24
C SER A 111 -17.57 -2.41 -5.07
N LYS A 112 -17.51 -3.71 -4.77
CA LYS A 112 -18.34 -4.71 -5.46
C LYS A 112 -19.84 -4.43 -5.29
N LEU A 113 -20.22 -4.07 -4.06
CA LEU A 113 -21.60 -3.76 -3.78
C LEU A 113 -22.04 -2.47 -4.50
N GLN A 114 -21.22 -1.41 -4.40
CA GLN A 114 -21.53 -0.15 -5.07
C GLN A 114 -21.66 -0.34 -6.59
N GLN A 115 -20.76 -1.14 -7.17
CA GLN A 115 -20.76 -1.40 -8.59
C GLN A 115 -22.03 -2.19 -8.99
N ALA A 116 -22.38 -3.20 -8.20
CA ALA A 116 -23.58 -4.00 -8.44
C ALA A 116 -24.86 -3.15 -8.45
N SER A 117 -24.98 -2.22 -7.48
CA SER A 117 -26.10 -1.27 -7.45
C SER A 117 -26.22 -0.46 -8.75
N GLU A 118 -25.09 0.03 -9.25
CA GLU A 118 -25.07 0.91 -10.42
C GLU A 118 -25.35 0.10 -11.69
N ASN A 119 -24.72 -1.05 -11.82
CA ASN A 119 -24.95 -1.95 -12.95
C ASN A 119 -26.42 -2.32 -13.11
N LEU A 120 -27.05 -2.73 -12.00
CA LEU A 120 -28.45 -3.11 -12.02
C LEU A 120 -29.40 -1.94 -12.25
N TYR A 121 -29.12 -0.80 -11.62
CA TYR A 121 -30.01 0.37 -11.72
C TYR A 121 -30.06 0.86 -13.17
N PHE A 122 -28.90 0.89 -13.81
CA PHE A 122 -28.81 1.29 -15.21
C PHE A 122 -28.82 0.06 -16.10
N GLY B 8 3.24 -14.82 -13.65
CA GLY B 8 2.18 -15.80 -13.30
C GLY B 8 1.64 -15.58 -11.90
N ILE B 9 1.22 -14.36 -11.61
CA ILE B 9 0.47 -14.06 -10.39
C ILE B 9 -0.72 -13.14 -10.72
N SER B 10 -1.67 -13.07 -9.79
CA SER B 10 -2.90 -12.32 -10.00
C SER B 10 -2.66 -10.80 -10.07
N THR B 11 -3.63 -10.06 -10.61
CA THR B 11 -3.48 -8.60 -10.74
C THR B 11 -3.43 -7.90 -9.36
N PRO B 12 -4.26 -8.34 -8.39
CA PRO B 12 -4.15 -7.77 -7.04
C PRO B 12 -2.78 -8.02 -6.41
N ASP B 13 -2.20 -9.20 -6.63
CA ASP B 13 -0.86 -9.48 -6.09
C ASP B 13 0.26 -8.65 -6.72
N LEU B 14 0.21 -8.42 -8.03
CA LEU B 14 1.16 -7.53 -8.67
C LEU B 14 1.00 -6.11 -8.12
N ALA B 15 -0.24 -5.65 -7.99
CA ALA B 15 -0.50 -4.30 -7.49
C ALA B 15 0.05 -4.11 -6.05
N LEU B 16 -0.08 -5.13 -5.20
CA LEU B 16 0.35 -5.04 -3.81
C LEU B 16 1.87 -4.97 -3.70
N ILE B 17 2.58 -5.91 -4.31
CA ILE B 17 4.03 -5.88 -4.16
C ILE B 17 4.67 -4.63 -4.82
N THR B 18 4.07 -4.14 -5.90
CA THR B 18 4.59 -2.97 -6.59
C THR B 18 4.33 -1.73 -5.72
N ARG B 19 3.17 -1.64 -5.08
CA ARG B 19 2.88 -0.53 -4.15
C ARG B 19 3.84 -0.57 -2.95
N GLN B 20 4.03 -1.76 -2.38
CA GLN B 20 4.91 -1.91 -1.23
C GLN B 20 6.35 -1.53 -1.56
N LEU B 21 6.86 -2.05 -2.68
CA LEU B 21 8.20 -1.69 -3.14
C LEU B 21 8.36 -0.19 -3.41
N ALA B 22 7.42 0.40 -4.15
CA ALA B 22 7.44 1.84 -4.42
C ALA B 22 7.46 2.67 -3.14
N THR B 23 6.66 2.25 -2.14
CA THR B 23 6.57 2.95 -0.87
C THR B 23 7.92 2.96 -0.14
N LEU B 24 8.55 1.80 -0.08
CA LEU B 24 9.81 1.66 0.65
C LEU B 24 10.94 2.38 -0.08
N VAL B 25 11.02 2.21 -1.40
CA VAL B 25 12.11 2.84 -2.17
C VAL B 25 12.01 4.38 -2.06
N GLN B 26 10.79 4.91 -2.14
CA GLN B 26 10.58 6.35 -2.04
C GLN B 26 10.86 6.93 -0.64
N SER B 27 10.81 6.09 0.39
CA SER B 27 11.19 6.51 1.74
C SER B 27 12.71 6.71 1.90
N GLY B 28 13.50 6.21 0.93
CA GLY B 28 14.95 6.34 0.98
C GLY B 28 15.69 5.10 1.46
N MET B 29 14.95 4.03 1.74
CA MET B 29 15.54 2.76 2.13
C MET B 29 16.29 2.12 0.94
N PRO B 30 17.49 1.54 1.19
CA PRO B 30 18.27 0.81 0.18
C PRO B 30 17.46 -0.32 -0.45
N LEU B 31 17.62 -0.50 -1.77
CA LEU B 31 16.78 -1.43 -2.56
C LEU B 31 16.76 -2.86 -2.01
N GLU B 32 17.91 -3.37 -1.62
CA GLU B 32 17.98 -4.74 -1.08
C GLU B 32 17.14 -4.88 0.21
N GLU B 33 17.15 -3.83 1.04
CA GLU B 33 16.35 -3.81 2.28
C GLU B 33 14.86 -3.74 1.94
N CYS B 34 14.51 -2.96 0.92
CA CYS B 34 13.14 -2.89 0.45
C CYS B 34 12.59 -4.25 -0.02
N LEU B 35 13.42 -4.96 -0.79
CA LEU B 35 13.03 -6.26 -1.32
C LEU B 35 12.84 -7.27 -0.19
N ARG B 36 13.72 -7.24 0.81
CA ARG B 36 13.61 -8.10 1.97
C ARG B 36 12.27 -7.89 2.69
N ALA B 37 11.94 -6.63 2.92
CA ALA B 37 10.73 -6.24 3.64
C ALA B 37 9.49 -6.74 2.90
N VAL B 38 9.48 -6.56 1.57
CA VAL B 38 8.32 -6.97 0.76
C VAL B 38 8.15 -8.48 0.80
N ALA B 39 9.26 -9.23 0.71
CA ALA B 39 9.27 -10.70 0.83
C ALA B 39 8.74 -11.15 2.20
N GLU B 40 9.29 -10.58 3.27
CA GLU B 40 8.87 -10.87 4.65
C GLU B 40 7.38 -10.60 4.86
N GLN B 41 6.84 -9.57 4.20
CA GLN B 41 5.44 -9.21 4.39
C GLN B 41 4.44 -10.00 3.51
N SER B 42 4.94 -10.86 2.62
CA SER B 42 4.06 -11.59 1.68
C SER B 42 3.32 -12.76 2.34
N GLU B 43 2.03 -12.84 2.07
CA GLU B 43 1.23 -14.00 2.48
C GLU B 43 1.39 -15.20 1.57
N LYS B 44 1.98 -15.01 0.39
CA LYS B 44 2.03 -16.09 -0.61
C LYS B 44 3.45 -16.63 -0.70
N PRO B 45 3.66 -17.90 -0.28
CA PRO B 45 5.00 -18.48 -0.35
C PRO B 45 5.70 -18.33 -1.70
N ARG B 46 4.96 -18.47 -2.80
CA ARG B 46 5.53 -18.37 -4.15
C ARG B 46 6.07 -16.96 -4.45
N ILE B 47 5.36 -15.95 -3.95
CA ILE B 47 5.81 -14.56 -4.12
C ILE B 47 7.03 -14.27 -3.23
N ARG B 48 7.01 -14.76 -2.00
CA ARG B 48 8.17 -14.64 -1.12
C ARG B 48 9.42 -15.21 -1.80
N THR B 49 9.29 -16.42 -2.35
CA THR B 49 10.41 -17.11 -2.99
C THR B 49 10.98 -16.26 -4.13
N MET B 50 10.09 -15.70 -4.92
CA MET B 50 10.48 -14.86 -6.05
C MET B 50 11.24 -13.63 -5.53
N LEU B 51 10.68 -12.96 -4.53
CA LEU B 51 11.26 -11.72 -4.06
C LEU B 51 12.60 -11.95 -3.34
N VAL B 52 12.74 -13.07 -2.62
CA VAL B 52 14.04 -13.43 -2.03
C VAL B 52 15.08 -13.66 -3.13
N ALA B 53 14.66 -14.31 -4.22
CA ALA B 53 15.56 -14.63 -5.34
C ALA B 53 15.97 -13.34 -6.07
N VAL B 54 15.01 -12.44 -6.28
CA VAL B 54 15.29 -11.13 -6.91
C VAL B 54 16.28 -10.34 -6.04
N ARG B 55 16.02 -10.31 -4.75
CA ARG B 55 16.92 -9.67 -3.80
C ARG B 55 18.35 -10.22 -3.86
N ALA B 56 18.50 -11.55 -3.86
CA ALA B 56 19.83 -12.15 -3.93
C ALA B 56 20.60 -11.69 -5.17
N LYS B 57 19.91 -11.60 -6.30
CA LYS B 57 20.54 -11.13 -7.54
C LYS B 57 20.97 -9.66 -7.43
N VAL B 58 20.10 -8.81 -6.89
CA VAL B 58 20.44 -7.41 -6.65
C VAL B 58 21.69 -7.29 -5.74
N THR B 59 21.72 -8.02 -4.64
CA THR B 59 22.88 -8.00 -3.74
C THR B 59 24.17 -8.45 -4.43
N GLU B 60 24.03 -9.35 -5.41
CA GLU B 60 25.16 -9.84 -6.19
C GLU B 60 25.60 -8.86 -7.27
N GLY B 61 24.88 -7.75 -7.46
CA GLY B 61 25.27 -6.69 -8.41
C GLY B 61 24.48 -6.67 -9.69
N TYR B 62 23.51 -7.58 -9.81
CA TYR B 62 22.57 -7.54 -10.93
C TYR B 62 21.63 -6.35 -10.75
N THR B 63 21.29 -5.69 -11.85
CA THR B 63 20.27 -4.64 -11.78
C THR B 63 18.90 -5.25 -11.45
N LEU B 64 18.02 -4.41 -10.93
CA LEU B 64 16.67 -4.84 -10.65
C LEU B 64 16.00 -5.31 -11.95
N SER B 65 16.13 -4.50 -13.01
CA SER B 65 15.55 -4.83 -14.32
C SER B 65 15.99 -6.21 -14.80
N ASP B 66 17.30 -6.46 -14.79
CA ASP B 66 17.86 -7.74 -15.15
C ASP B 66 17.24 -8.86 -14.28
N SER B 67 17.24 -8.65 -12.97
CA SER B 67 16.71 -9.63 -12.00
C SER B 67 15.22 -10.04 -12.22
N LEU B 68 14.38 -9.07 -12.52
CA LEU B 68 12.97 -9.33 -12.82
C LEU B 68 12.76 -10.15 -14.11
N GLY B 69 13.75 -10.07 -15.02
CA GLY B 69 13.80 -10.87 -16.23
C GLY B 69 13.71 -12.38 -16.01
N ASP B 70 14.03 -12.84 -14.80
CA ASP B 70 13.86 -14.25 -14.45
C ASP B 70 12.39 -14.61 -14.14
N TYR B 71 11.52 -13.60 -14.08
CA TYR B 71 10.08 -13.81 -13.87
C TYR B 71 9.22 -13.03 -14.91
N PRO B 72 9.43 -13.33 -16.21
CA PRO B 72 8.81 -12.56 -17.30
C PRO B 72 7.30 -12.76 -17.42
N HIS B 73 6.81 -13.83 -16.81
CA HIS B 73 5.40 -14.12 -16.63
CA HIS B 73 5.41 -14.01 -16.56
C HIS B 73 4.75 -13.22 -15.56
N VAL B 74 5.55 -12.68 -14.65
CA VAL B 74 5.07 -11.76 -13.61
C VAL B 74 5.27 -10.30 -14.01
N PHE B 75 6.47 -10.00 -14.50
CA PHE B 75 6.88 -8.66 -14.86
C PHE B 75 7.04 -8.62 -16.36
N ASP B 76 6.08 -8.01 -17.04
CA ASP B 76 6.07 -8.01 -18.51
C ASP B 76 7.17 -7.10 -19.09
N GLU B 77 7.34 -7.13 -20.40
CA GLU B 77 8.43 -6.41 -21.05
C GLU B 77 8.41 -4.92 -20.74
N LEU B 78 7.23 -4.31 -20.81
CA LEU B 78 7.09 -2.87 -20.55
C LEU B 78 7.47 -2.54 -19.11
N PHE B 79 6.97 -3.34 -18.15
CA PHE B 79 7.34 -3.21 -16.73
C PHE B 79 8.86 -3.15 -16.56
N ARG B 80 9.52 -4.18 -17.09
CA ARG B 80 10.96 -4.33 -16.98
C ARG B 80 11.72 -3.23 -17.72
N SER B 81 11.21 -2.83 -18.89
CA SER B 81 11.76 -1.69 -19.65
C SER B 81 11.73 -0.40 -18.83
N MET B 82 10.60 -0.17 -18.16
CA MET B 82 10.43 1.01 -17.32
C MET B 82 11.43 1.04 -16.17
N VAL B 83 11.55 -0.09 -15.48
CA VAL B 83 12.55 -0.25 -14.41
C VAL B 83 13.95 0.01 -14.91
N ALA B 84 14.27 -0.56 -16.08
CA ALA B 84 15.57 -0.40 -16.72
C ALA B 84 15.86 1.07 -17.02
N ALA B 85 14.88 1.76 -17.60
CA ALA B 85 14.96 3.19 -17.83
C ALA B 85 15.21 4.00 -16.54
N GLY B 86 14.49 3.66 -15.45
CA GLY B 86 14.71 4.30 -14.14
C GLY B 86 16.11 4.06 -13.59
N GLU B 87 16.57 2.81 -13.63
CA GLU B 87 17.92 2.49 -13.16
C GLU B 87 18.99 3.24 -13.95
N LYS B 88 18.87 3.22 -15.28
CA LYS B 88 19.84 3.88 -16.16
C LYS B 88 19.89 5.39 -15.90
N SER B 89 18.73 6.00 -15.65
CA SER B 89 18.61 7.47 -15.51
C SER B 89 18.79 7.98 -14.05
N GLY B 90 18.79 7.07 -13.09
CA GLY B 90 18.86 7.42 -11.65
C GLY B 90 17.51 7.78 -11.04
N HIS B 91 16.43 7.33 -11.66
CA HIS B 91 15.10 7.72 -11.21
C HIS B 91 14.24 6.47 -10.90
N LEU B 92 14.86 5.49 -10.25
CA LEU B 92 14.14 4.26 -9.92
C LEU B 92 12.91 4.53 -9.06
N ASP B 93 13.03 5.44 -8.07
CA ASP B 93 11.91 5.81 -7.20
C ASP B 93 10.67 6.31 -7.96
N SER B 94 10.86 7.23 -8.91
CA SER B 94 9.73 7.77 -9.67
C SER B 94 9.11 6.70 -10.58
N VAL B 95 9.93 5.85 -11.20
CA VAL B 95 9.39 4.77 -12.05
C VAL B 95 8.57 3.74 -11.28
N LEU B 96 9.02 3.39 -10.08
CA LEU B 96 8.29 2.43 -9.25
C LEU B 96 6.96 3.00 -8.79
N GLU B 97 6.95 4.27 -8.45
CA GLU B 97 5.67 4.95 -8.18
C GLU B 97 4.71 4.85 -9.37
N ARG B 98 5.24 5.18 -10.57
CA ARG B 98 4.47 5.10 -11.82
C ARG B 98 3.91 3.68 -12.08
N LEU B 99 4.76 2.67 -11.84
CA LEU B 99 4.35 1.29 -12.04
C LEU B 99 3.34 0.82 -10.98
N ALA B 100 3.47 1.31 -9.74
CA ALA B 100 2.47 1.03 -8.69
C ALA B 100 1.11 1.61 -9.06
N ASP B 101 1.09 2.85 -9.56
CA ASP B 101 -0.14 3.49 -10.02
C ASP B 101 -0.79 2.77 -11.19
N TYR B 102 0.03 2.32 -12.14
CA TYR B 102 -0.45 1.57 -13.30
C TYR B 102 -1.07 0.26 -12.81
N ALA B 103 -0.33 -0.46 -11.98
CA ALA B 103 -0.79 -1.77 -11.51
C ALA B 103 -2.09 -1.70 -10.72
N GLU B 104 -2.21 -0.65 -9.89
CA GLU B 104 -3.44 -0.37 -9.14
C GLU B 104 -4.62 -0.06 -10.09
N ASN B 105 -4.38 0.83 -11.04
CA ASN B 105 -5.42 1.23 -11.98
C ASN B 105 -5.86 0.07 -12.87
N ARG B 106 -4.90 -0.70 -13.39
CA ARG B 106 -5.20 -1.90 -14.15
C ARG B 106 -6.08 -2.88 -13.35
N GLN B 107 -5.74 -3.12 -12.08
CA GLN B 107 -6.52 -4.07 -11.28
C GLN B 107 -7.98 -3.59 -11.04
N LYS B 108 -8.15 -2.32 -10.76
CA LYS B 108 -9.48 -1.74 -10.55
C LYS B 108 -10.35 -1.80 -11.82
N MET B 109 -9.78 -1.45 -12.97
CA MET B 109 -10.46 -1.50 -14.27
C MET B 109 -10.93 -2.93 -14.62
N ARG B 110 -10.00 -3.88 -14.50
CA ARG B 110 -10.29 -5.26 -14.83
C ARG B 110 -11.24 -5.91 -13.82
N SER B 111 -11.11 -5.55 -12.54
CA SER B 111 -12.03 -6.04 -11.52
C SER B 111 -13.46 -5.58 -11.79
N LYS B 112 -13.60 -4.32 -12.18
CA LYS B 112 -14.88 -3.73 -12.53
C LYS B 112 -15.50 -4.40 -13.77
N LEU B 113 -14.66 -4.76 -14.73
CA LEU B 113 -15.10 -5.46 -15.91
C LEU B 113 -15.49 -6.90 -15.54
N GLN B 114 -14.66 -7.56 -14.75
CA GLN B 114 -14.92 -8.94 -14.31
C GLN B 114 -16.25 -8.98 -13.53
N GLN B 115 -16.45 -8.00 -12.67
CA GLN B 115 -17.67 -7.90 -11.88
C GLN B 115 -18.91 -7.62 -12.73
N ALA B 116 -18.81 -6.67 -13.66
CA ALA B 116 -19.91 -6.33 -14.56
C ALA B 116 -20.37 -7.53 -15.37
N SER B 117 -19.41 -8.32 -15.86
CA SER B 117 -19.71 -9.49 -16.67
C SER B 117 -20.36 -10.60 -15.83
N GLU B 118 -19.86 -10.82 -14.61
CA GLU B 118 -20.46 -11.79 -13.69
C GLU B 118 -21.88 -11.39 -13.29
N ASN B 119 -22.08 -10.11 -12.97
CA ASN B 119 -23.38 -9.55 -12.63
C ASN B 119 -24.44 -9.79 -13.71
N LEU B 120 -24.03 -9.60 -14.96
CA LEU B 120 -24.94 -9.58 -16.10
C LEU B 120 -25.24 -10.99 -16.61
N TYR B 121 -24.17 -11.79 -16.73
CA TYR B 121 -24.24 -13.15 -17.24
C TYR B 121 -25.10 -14.11 -16.41
N PHE B 122 -24.97 -14.06 -15.09
CA PHE B 122 -25.54 -15.09 -14.22
C PHE B 122 -26.94 -14.75 -13.69
#